data_4FWB
#
_entry.id   4FWB
#
_cell.length_a   42.498
_cell.length_b   44.395
_cell.length_c   46.538
_cell.angle_alpha   115.32
_cell.angle_beta   97.70
_cell.angle_gamma   109.58
#
_symmetry.space_group_name_H-M   'P 1'
#
loop_
_entity.id
_entity.type
_entity.pdbx_description
1 polymer 'Haloalkane dehalogenase'
2 non-polymer 1,2,3-trichloropropane
3 non-polymer 'CHLORIDE ION'
4 water water
#
_entity_poly.entity_id   1
_entity_poly.type   'polypeptide(L)'
_entity_poly.pdbx_seq_one_letter_code
;IGTGFPFDPHYVEVLGERMHYVDVGPRDGTPVLFLHGNPTSSYLWRNIIPHVAPSHRCIAPDLIGMGKSDKPDLDYFFDD
HVRYLDAFIEALGLEEVVLVIHDWGSALGFHWAKRNPERVKGIACMEFIRPFPTWDEWPEFARETFQAFRTADVGRELII
DQNAFIEGALPKYVVRPLTEVEMDHYREPFLKPVDREPLWRFPNELPIAGEPANIVALVEAYMNWLHQSPVPKLLFWGTP
GFIIPPAEAARLAESLPNCKTVDIGPGLHFLQEDNPDLIGSEIARWLPALHH
;
_entity_poly.pdbx_strand_id   A
#
loop_
_chem_comp.id
_chem_comp.type
_chem_comp.name
_chem_comp.formula
3KP non-polymer 1,2,3-trichloropropane 'C3 H5 Cl3'
CL non-polymer 'CHLORIDE ION' 'Cl -1'
#
# COMPACT_ATOMS: atom_id res chain seq x y z
N ILE A 1 -3.11 -19.21 8.03
CA ILE A 1 -2.79 -18.16 7.02
C ILE A 1 -1.50 -18.53 6.33
N GLY A 2 -1.47 -18.55 5.03
CA GLY A 2 -0.34 -19.08 4.28
C GLY A 2 0.90 -18.25 4.39
N THR A 3 2.06 -18.91 4.47
CA THR A 3 3.30 -18.20 4.60
C THR A 3 4.17 -18.24 3.34
N GLY A 4 3.82 -19.10 2.39
CA GLY A 4 4.61 -19.21 1.18
C GLY A 4 4.27 -18.16 0.15
N PHE A 5 5.07 -18.14 -0.93
CA PHE A 5 4.85 -17.19 -2.00
C PHE A 5 4.91 -17.91 -3.33
N PRO A 6 3.84 -18.61 -3.68
CA PRO A 6 3.86 -19.51 -4.84
C PRO A 6 3.52 -18.79 -6.13
N PHE A 7 4.36 -17.83 -6.47
CA PHE A 7 4.23 -17.01 -7.66
C PHE A 7 5.53 -16.98 -8.45
N ASP A 8 5.46 -17.31 -9.72
CA ASP A 8 6.61 -17.30 -10.62
C ASP A 8 7.14 -15.89 -10.76
N PRO A 9 8.45 -15.76 -10.84
CA PRO A 9 9.04 -14.41 -10.88
C PRO A 9 8.88 -13.78 -12.26
N HIS A 10 8.67 -12.46 -12.22
CA HIS A 10 8.67 -11.64 -13.40
C HIS A 10 9.46 -10.36 -13.08
N TYR A 11 10.22 -9.91 -14.06
CA TYR A 11 11.00 -8.71 -13.94
C TYR A 11 10.80 -7.86 -15.20
N VAL A 12 10.73 -6.57 -15.06
CA VAL A 12 10.62 -5.65 -16.20
C VAL A 12 11.60 -4.52 -15.97
N GLU A 13 12.24 -4.07 -17.03
CA GLU A 13 13.21 -2.98 -16.95
C GLU A 13 12.46 -1.65 -17.00
N VAL A 14 12.63 -0.87 -15.94
CA VAL A 14 11.95 0.40 -15.74
C VAL A 14 12.98 1.45 -15.38
N LEU A 15 13.17 2.46 -16.18
CA LEU A 15 14.11 3.53 -15.79
C LEU A 15 15.49 2.96 -15.45
N GLY A 16 15.94 1.97 -16.26
CA GLY A 16 17.27 1.42 -16.09
C GLY A 16 17.45 0.48 -14.96
N GLU A 17 16.34 0.08 -14.34
CA GLU A 17 16.31 -0.72 -13.12
C GLU A 17 15.34 -1.86 -13.28
N ARG A 18 15.63 -3.01 -12.67
CA ARG A 18 14.70 -4.13 -12.76
C ARG A 18 13.67 -4.00 -11.66
N MET A 19 12.40 -4.12 -12.01
CA MET A 19 11.33 -4.20 -11.03
C MET A 19 10.70 -5.61 -11.10
N HIS A 20 10.56 -6.20 -9.93
CA HIS A 20 9.92 -7.49 -9.74
C HIS A 20 8.42 -7.33 -9.60
N TYR A 21 7.67 -8.30 -10.13
CA TYR A 21 6.22 -8.29 -9.97
C TYR A 21 5.65 -9.69 -10.09
N VAL A 22 4.56 -9.89 -9.36
CA VAL A 22 3.64 -10.99 -9.65
C VAL A 22 2.81 -10.68 -10.88
N ASP A 23 2.59 -11.71 -11.71
CA ASP A 23 1.71 -11.58 -12.86
C ASP A 23 1.05 -12.94 -13.10
N VAL A 24 -0.20 -13.08 -12.69
CA VAL A 24 -0.93 -14.33 -12.83
C VAL A 24 -2.31 -13.99 -13.40
N GLY A 25 -3.02 -15.01 -13.88
CA GLY A 25 -4.36 -14.85 -14.34
C GLY A 25 -4.47 -14.59 -15.84
N PRO A 26 -5.69 -14.61 -16.35
CA PRO A 26 -5.94 -14.45 -17.80
C PRO A 26 -5.52 -13.07 -18.26
N ARG A 27 -5.01 -13.00 -19.47
CA ARG A 27 -4.55 -11.84 -20.21
C ARG A 27 -5.64 -11.00 -20.87
N ASP A 28 -6.85 -11.53 -21.01
CA ASP A 28 -7.91 -10.95 -21.82
C ASP A 28 -9.07 -10.29 -21.09
N GLY A 29 -8.82 -9.40 -20.18
CA GLY A 29 -9.80 -8.70 -19.36
C GLY A 29 -9.11 -7.53 -18.67
N THR A 30 -9.76 -7.02 -17.65
CA THR A 30 -9.20 -5.86 -16.94
C THR A 30 -8.27 -6.33 -15.84
N PRO A 31 -7.00 -5.98 -15.86
CA PRO A 31 -6.12 -6.43 -14.78
C PRO A 31 -6.41 -5.72 -13.45
N VAL A 32 -6.06 -6.44 -12.40
CA VAL A 32 -6.16 -5.95 -11.02
C VAL A 32 -4.73 -5.70 -10.53
N LEU A 33 -4.47 -4.45 -10.17
CA LEU A 33 -3.14 -3.96 -9.82
C LEU A 33 -3.08 -3.74 -8.32
N PHE A 34 -2.24 -4.52 -7.67
CA PHE A 34 -2.10 -4.54 -6.19
C PHE A 34 -0.87 -3.74 -5.80
N LEU A 35 -1.05 -2.73 -4.95
CA LEU A 35 0.03 -1.86 -4.56
C LEU A 35 0.28 -1.88 -3.04
N HIS A 36 1.41 -2.46 -2.63
CA HIS A 36 1.83 -2.46 -1.24
C HIS A 36 2.39 -1.08 -0.84
N GLY A 37 2.64 -0.97 0.46
CA GLY A 37 3.30 0.21 0.99
C GLY A 37 4.51 -0.15 1.86
N ASN A 38 4.67 0.65 2.92
CA ASN A 38 5.83 0.52 3.80
C ASN A 38 5.58 -0.39 4.98
N PRO A 39 6.46 -1.28 5.39
CA PRO A 39 7.73 -1.71 4.82
C PRO A 39 7.60 -3.05 4.11
N THR A 40 6.57 -3.19 3.28
CA THR A 40 6.14 -4.49 2.76
C THR A 40 6.58 -4.66 1.31
N SER A 41 5.96 -5.61 0.62
CA SER A 41 6.24 -5.94 -0.75
C SER A 41 5.02 -6.68 -1.28
N SER A 42 5.11 -7.20 -2.49
CA SER A 42 4.06 -8.09 -3.02
C SER A 42 3.76 -9.25 -2.08
N TYR A 43 4.67 -9.64 -1.20
CA TYR A 43 4.38 -10.68 -0.23
C TYR A 43 3.11 -10.40 0.58
N LEU A 44 2.84 -9.13 0.83
CA LEU A 44 1.66 -8.74 1.59
C LEU A 44 0.38 -9.19 0.94
N TRP A 45 0.39 -9.38 -0.36
CA TRP A 45 -0.83 -9.75 -1.12
C TRP A 45 -0.93 -11.24 -1.37
N ARG A 46 -0.01 -12.04 -0.86
CA ARG A 46 0.14 -13.43 -1.24
C ARG A 46 -1.09 -14.29 -1.02
N ASN A 47 -1.85 -13.98 0.03
CA ASN A 47 -3.04 -14.76 0.35
C ASN A 47 -4.32 -14.16 -0.16
N ILE A 48 -4.21 -13.02 -0.81
CA ILE A 48 -5.35 -12.31 -1.41
C ILE A 48 -5.45 -12.56 -2.90
N ILE A 49 -4.31 -12.49 -3.58
CA ILE A 49 -4.25 -12.74 -5.00
C ILE A 49 -4.91 -14.04 -5.41
N PRO A 50 -4.72 -15.17 -4.74
CA PRO A 50 -5.34 -16.41 -5.23
C PRO A 50 -6.85 -16.39 -5.31
N HIS A 51 -7.51 -15.49 -4.59
CA HIS A 51 -8.94 -15.36 -4.71
C HIS A 51 -9.36 -14.69 -5.98
N VAL A 52 -8.49 -13.84 -6.53
CA VAL A 52 -8.80 -12.97 -7.67
C VAL A 52 -8.27 -13.50 -8.98
N ALA A 53 -7.10 -14.16 -8.95
CA ALA A 53 -6.49 -14.77 -10.13
C ALA A 53 -7.41 -15.67 -10.93
N PRO A 54 -8.33 -16.41 -10.36
CA PRO A 54 -9.21 -17.24 -11.21
C PRO A 54 -10.00 -16.47 -12.23
N SER A 55 -10.34 -15.21 -11.96
CA SER A 55 -11.20 -14.41 -12.81
C SER A 55 -10.50 -13.26 -13.49
N HIS A 56 -9.41 -12.74 -12.94
CA HIS A 56 -8.73 -11.59 -13.51
C HIS A 56 -7.22 -11.70 -13.42
N ARG A 57 -6.55 -11.08 -14.38
CA ARG A 57 -5.11 -10.88 -14.24
C ARG A 57 -4.81 -10.13 -12.95
N CYS A 58 -3.77 -10.56 -12.24
CA CYS A 58 -3.32 -9.92 -11.00
C CYS A 58 -1.87 -9.55 -11.19
N ILE A 59 -1.60 -8.27 -11.04
CA ILE A 59 -0.26 -7.71 -11.14
C ILE A 59 0.10 -7.07 -9.82
N ALA A 60 1.21 -7.47 -9.22
CA ALA A 60 1.59 -6.94 -7.90
C ALA A 60 3.08 -6.64 -7.95
N PRO A 61 3.44 -5.38 -8.23
CA PRO A 61 4.85 -5.02 -8.25
C PRO A 61 5.41 -4.83 -6.86
N ASP A 62 6.72 -5.05 -6.77
CA ASP A 62 7.53 -4.57 -5.66
C ASP A 62 7.99 -3.16 -6.02
N LEU A 63 7.64 -2.19 -5.18
CA LEU A 63 8.04 -0.84 -5.42
C LEU A 63 9.55 -0.75 -5.53
N ILE A 64 10.03 0.27 -6.26
CA ILE A 64 11.47 0.43 -6.40
C ILE A 64 12.10 0.51 -5.00
N GLY A 65 13.25 -0.13 -4.84
CA GLY A 65 13.93 -0.20 -3.58
C GLY A 65 13.38 -1.20 -2.59
N MET A 66 12.38 -1.96 -2.99
CA MET A 66 11.66 -2.83 -2.05
C MET A 66 11.49 -4.21 -2.66
N GLY A 67 11.17 -5.19 -1.80
CA GLY A 67 10.97 -6.53 -2.33
C GLY A 67 12.15 -7.03 -3.09
N LYS A 68 11.90 -7.61 -4.27
CA LYS A 68 12.93 -8.12 -5.13
C LYS A 68 13.26 -7.14 -6.26
N SER A 69 12.69 -5.95 -6.21
CA SER A 69 13.10 -4.92 -7.16
C SER A 69 14.50 -4.40 -6.85
N ASP A 70 15.10 -3.79 -7.87
CA ASP A 70 16.43 -3.22 -7.72
C ASP A 70 16.42 -2.07 -6.70
N LYS A 71 17.62 -1.71 -6.28
CA LYS A 71 17.90 -0.78 -5.23
C LYS A 71 18.82 0.36 -5.68
N PRO A 72 18.31 1.18 -6.57
CA PRO A 72 19.14 2.38 -6.92
C PRO A 72 19.30 3.21 -5.69
N ASP A 73 20.36 4.03 -5.70
CA ASP A 73 20.61 4.93 -4.57
C ASP A 73 19.81 6.19 -4.74
N LEU A 74 18.52 6.10 -4.37
CA LEU A 74 17.61 7.21 -4.48
C LEU A 74 17.37 7.82 -3.10
N ASP A 75 16.78 9.02 -3.10
CA ASP A 75 16.22 9.52 -1.86
C ASP A 75 14.95 8.79 -1.46
N TYR A 76 14.26 8.17 -2.42
CA TYR A 76 13.06 7.38 -2.22
C TYR A 76 11.94 8.28 -1.69
N PHE A 77 11.88 9.52 -2.18
CA PHE A 77 10.74 10.36 -2.03
C PHE A 77 9.51 9.70 -2.63
N PHE A 78 8.31 10.07 -2.17
CA PHE A 78 7.10 9.70 -2.85
C PHE A 78 7.19 10.00 -4.35
N ASP A 79 7.73 11.17 -4.70
CA ASP A 79 7.85 11.49 -6.12
C ASP A 79 8.69 10.49 -6.87
N ASP A 80 9.72 9.93 -6.25
CA ASP A 80 10.52 8.88 -6.89
C ASP A 80 9.67 7.64 -7.14
N HIS A 81 8.88 7.23 -6.12
CA HIS A 81 7.98 6.09 -6.36
C HIS A 81 6.99 6.36 -7.46
N VAL A 82 6.49 7.58 -7.53
CA VAL A 82 5.52 7.95 -8.58
C VAL A 82 6.16 7.72 -9.94
N ARG A 83 7.41 8.18 -10.10
CA ARG A 83 8.11 8.16 -11.37
C ARG A 83 8.29 6.71 -11.81
N TYR A 84 8.72 5.85 -10.89
CA TYR A 84 8.95 4.46 -11.20
C TYR A 84 7.65 3.69 -11.43
N LEU A 85 6.63 3.90 -10.61
CA LEU A 85 5.38 3.18 -10.80
C LEU A 85 4.69 3.62 -12.09
N ASP A 86 4.69 4.91 -12.42
CA ASP A 86 4.12 5.34 -13.71
C ASP A 86 4.79 4.59 -14.84
N ALA A 87 6.10 4.50 -14.79
CA ALA A 87 6.89 3.87 -15.85
C ALA A 87 6.70 2.37 -15.86
N PHE A 88 6.47 1.74 -14.71
CA PHE A 88 6.13 0.32 -14.65
C PHE A 88 4.81 0.07 -15.37
N ILE A 89 3.79 0.82 -15.03
CA ILE A 89 2.46 0.65 -15.63
C ILE A 89 2.56 0.77 -17.14
N GLU A 90 3.32 1.75 -17.62
CA GLU A 90 3.46 1.87 -19.09
C GLU A 90 4.30 0.74 -19.67
N ALA A 91 5.34 0.31 -18.96
CA ALA A 91 6.19 -0.76 -19.46
C ALA A 91 5.38 -2.02 -19.66
N LEU A 92 4.35 -2.23 -18.88
CA LEU A 92 3.50 -3.40 -19.05
C LEU A 92 2.34 -3.15 -20.02
N GLY A 93 2.27 -1.95 -20.56
CA GLY A 93 1.24 -1.64 -21.54
C GLY A 93 -0.15 -1.66 -20.99
N LEU A 94 -0.29 -1.42 -19.68
CA LEU A 94 -1.63 -1.42 -19.13
C LEU A 94 -2.47 -0.24 -19.64
N GLU A 95 -3.75 -0.51 -19.81
CA GLU A 95 -4.74 0.50 -20.25
C GLU A 95 -5.70 0.76 -19.09
N GLU A 96 -6.81 0.06 -18.97
CA GLU A 96 -7.69 0.14 -17.83
C GLU A 96 -7.29 -0.88 -16.78
N VAL A 97 -7.47 -0.52 -15.50
CA VAL A 97 -7.14 -1.38 -14.38
C VAL A 97 -8.20 -1.23 -13.29
N VAL A 98 -8.23 -2.21 -12.40
CA VAL A 98 -8.83 -2.09 -11.08
C VAL A 98 -7.68 -2.01 -10.06
N LEU A 99 -7.76 -1.06 -9.14
CA LEU A 99 -6.70 -0.91 -8.15
C LEU A 99 -7.06 -1.61 -6.85
N VAL A 100 -6.10 -2.22 -6.18
CA VAL A 100 -6.22 -2.79 -4.85
C VAL A 100 -5.04 -2.25 -4.05
N ILE A 101 -5.30 -1.34 -3.12
CA ILE A 101 -4.24 -0.48 -2.57
C ILE A 101 -4.28 -0.32 -1.07
N HIS A 102 -3.12 -0.02 -0.49
CA HIS A 102 -2.87 0.02 0.93
C HIS A 102 -1.76 1.00 1.26
N ASP A 103 -1.81 1.79 2.32
CA ASP A 103 -0.66 2.56 2.84
C ASP A 103 -0.06 3.40 1.72
N TRP A 104 1.24 3.40 1.52
CA TRP A 104 1.84 4.22 0.45
C TRP A 104 1.41 3.74 -0.91
N GLY A 105 1.06 2.48 -1.07
CA GLY A 105 0.46 2.03 -2.32
C GLY A 105 -0.86 2.71 -2.60
N SER A 106 -1.58 3.11 -1.58
CA SER A 106 -2.83 3.87 -1.74
C SER A 106 -2.54 5.30 -2.15
N ALA A 107 -1.52 5.93 -1.62
CA ALA A 107 -1.18 7.29 -2.11
C ALA A 107 -0.77 7.21 -3.56
N LEU A 108 0.04 6.20 -3.91
CA LEU A 108 0.41 6.00 -5.31
C LEU A 108 -0.79 5.74 -6.17
N GLY A 109 -1.68 4.85 -5.73
CA GLY A 109 -2.82 4.47 -6.54
C GLY A 109 -3.82 5.58 -6.69
N PHE A 110 -4.19 6.30 -5.62
CA PHE A 110 -5.12 7.40 -5.73
C PHE A 110 -4.54 8.52 -6.57
N HIS A 111 -3.23 8.77 -6.38
CA HIS A 111 -2.60 9.81 -7.21
C HIS A 111 -2.61 9.44 -8.69
N TRP A 112 -2.38 8.19 -9.00
CA TRP A 112 -2.46 7.73 -10.41
C TRP A 112 -3.88 7.82 -10.92
N ALA A 113 -4.84 7.44 -10.09
CA ALA A 113 -6.24 7.45 -10.49
C ALA A 113 -6.70 8.87 -10.80
N LYS A 114 -6.35 9.81 -9.97
CA LYS A 114 -6.74 11.20 -10.18
C LYS A 114 -6.23 11.69 -11.54
N ARG A 115 -5.02 11.29 -11.90
CA ARG A 115 -4.38 11.71 -13.14
C ARG A 115 -4.84 10.89 -14.33
N ASN A 116 -5.47 9.75 -14.11
CA ASN A 116 -5.85 8.81 -15.15
C ASN A 116 -7.28 8.29 -14.92
N PRO A 117 -8.27 9.17 -14.71
CA PRO A 117 -9.54 8.71 -14.15
C PRO A 117 -10.28 7.75 -15.06
N GLU A 118 -10.12 7.87 -16.37
CA GLU A 118 -10.79 6.98 -17.32
C GLU A 118 -10.20 5.59 -17.37
N ARG A 119 -9.02 5.45 -16.76
CA ARG A 119 -8.37 4.15 -16.77
C ARG A 119 -8.55 3.37 -15.47
N VAL A 120 -9.35 3.86 -14.54
CA VAL A 120 -9.58 3.14 -13.28
C VAL A 120 -11.04 2.73 -13.20
N LYS A 121 -11.25 1.42 -13.15
CA LYS A 121 -12.62 0.88 -13.16
C LYS A 121 -13.18 0.53 -11.81
N GLY A 122 -12.30 0.57 -10.81
CA GLY A 122 -12.69 0.39 -9.45
C GLY A 122 -11.48 0.52 -8.53
N ILE A 123 -11.75 0.85 -7.26
CA ILE A 123 -10.67 0.93 -6.28
C ILE A 123 -11.06 0.19 -5.02
N ALA A 124 -10.35 -0.88 -4.70
CA ALA A 124 -10.43 -1.53 -3.41
C ALA A 124 -9.28 -1.02 -2.58
N CYS A 125 -9.62 -0.54 -1.36
CA CYS A 125 -8.64 0.12 -0.52
C CYS A 125 -8.85 -0.28 0.92
N MET A 126 -7.79 -0.03 1.69
CA MET A 126 -7.75 -0.41 3.10
C MET A 126 -6.63 0.37 3.74
N GLU A 127 -6.86 0.92 4.93
CA GLU A 127 -5.78 1.52 5.72
C GLU A 127 -4.89 2.44 4.86
N PHE A 128 -5.62 3.37 4.19
CA PHE A 128 -5.09 4.23 3.16
C PHE A 128 -4.70 5.58 3.74
N ILE A 129 -3.87 6.29 3.00
CA ILE A 129 -3.32 7.56 3.45
C ILE A 129 -4.27 8.72 3.13
N ARG A 130 -4.59 9.48 4.17
CA ARG A 130 -5.27 10.75 4.12
C ARG A 130 -4.44 11.76 4.92
N PRO A 131 -4.73 13.06 4.82
CA PRO A 131 -3.94 14.02 5.64
C PRO A 131 -4.29 13.84 7.11
N PHE A 132 -3.31 14.00 7.97
CA PHE A 132 -3.49 14.06 9.41
C PHE A 132 -3.21 15.51 9.79
N PRO A 133 -4.25 16.35 9.86
CA PRO A 133 -3.93 17.81 9.96
C PRO A 133 -3.09 18.17 11.17
N THR A 134 -3.23 17.49 12.29
CA THR A 134 -2.37 17.72 13.47
C THR A 134 -1.93 16.38 14.03
N TRP A 135 -0.93 16.35 14.90
CA TRP A 135 -0.45 15.15 15.54
C TRP A 135 -1.48 14.56 16.49
N ASP A 136 -2.39 15.36 17.01
CA ASP A 136 -3.42 14.78 17.87
C ASP A 136 -4.33 13.86 17.09
N GLU A 137 -4.34 13.99 15.78
CA GLU A 137 -5.20 13.12 14.96
C GLU A 137 -4.52 11.83 14.54
N TRP A 138 -3.22 11.68 14.77
CA TRP A 138 -2.50 10.44 14.55
C TRP A 138 -2.82 9.44 15.66
N PRO A 139 -2.87 8.13 15.47
CA PRO A 139 -3.19 7.23 16.59
C PRO A 139 -2.26 7.44 17.77
N GLU A 140 -2.92 7.65 18.92
CA GLU A 140 -2.29 8.16 20.11
C GLU A 140 -1.04 7.35 20.48
N PHE A 141 -1.21 6.02 20.47
CA PHE A 141 -0.16 5.14 20.93
C PHE A 141 1.01 5.04 19.98
N ALA A 142 0.92 5.57 18.76
CA ALA A 142 1.99 5.55 17.76
C ALA A 142 2.52 6.95 17.52
N ARG A 143 2.08 7.94 18.29
CA ARG A 143 2.56 9.29 18.09
C ARG A 143 4.04 9.44 18.39
N GLU A 144 4.47 8.93 19.56
CA GLU A 144 5.88 9.04 19.87
C GLU A 144 6.70 8.36 18.78
N THR A 145 6.27 7.17 18.40
CA THR A 145 7.08 6.36 17.50
C THR A 145 7.33 7.13 16.22
N PHE A 146 6.25 7.67 15.67
CA PHE A 146 6.36 8.32 14.36
C PHE A 146 6.98 9.69 14.48
N GLN A 147 6.80 10.36 15.62
CA GLN A 147 7.53 11.61 15.79
C GLN A 147 9.04 11.39 15.79
N ALA A 148 9.50 10.31 16.42
CA ALA A 148 10.91 9.93 16.45
C ALA A 148 11.39 9.52 15.07
N PHE A 149 10.59 8.79 14.30
CA PHE A 149 10.97 8.43 12.95
C PHE A 149 11.25 9.67 12.11
N ARG A 150 10.55 10.75 12.41
CA ARG A 150 10.58 11.99 11.67
C ARG A 150 11.49 13.03 12.24
N THR A 151 12.23 12.72 13.37
N THR A 151 12.68 12.42 12.29
CA THR A 151 13.17 13.51 14.17
CA THR A 151 13.97 13.04 12.47
C THR A 151 14.59 13.41 13.57
C THR A 151 15.12 12.43 11.66
N ALA A 152 15.28 14.51 13.37
N ALA A 152 16.08 13.37 11.43
CA ALA A 152 16.65 14.56 12.87
CA ALA A 152 17.19 13.00 10.53
C ALA A 152 17.56 13.53 13.57
C ALA A 152 18.25 12.42 11.42
N ASP A 153 18.22 12.67 12.76
CA ASP A 153 19.26 11.73 13.24
C ASP A 153 18.57 10.51 13.88
N VAL A 154 17.82 10.73 14.91
CA VAL A 154 17.14 9.66 15.66
C VAL A 154 16.37 8.71 14.75
N GLY A 155 15.57 9.25 13.81
CA GLY A 155 14.84 8.39 12.96
C GLY A 155 15.64 7.47 12.09
N ARG A 156 16.79 7.95 11.61
CA ARG A 156 17.69 7.14 10.83
C ARG A 156 18.34 6.06 11.69
N GLU A 157 18.71 6.41 12.91
CA GLU A 157 19.29 5.40 13.82
C GLU A 157 18.27 4.30 14.04
N LEU A 158 17.03 4.65 14.32
CA LEU A 158 16.00 3.64 14.57
C LEU A 158 15.70 2.80 13.36
N ILE A 159 15.38 3.44 12.22
CA ILE A 159 14.87 2.69 11.09
C ILE A 159 15.97 2.07 10.24
N ILE A 160 17.05 2.79 9.97
CA ILE A 160 18.13 2.25 9.15
C ILE A 160 19.10 1.44 9.96
N ASP A 161 19.66 2.04 11.02
CA ASP A 161 20.65 1.31 11.78
C ASP A 161 20.09 0.15 12.58
N GLN A 162 18.85 0.27 13.11
CA GLN A 162 18.30 -0.72 14.00
C GLN A 162 17.14 -1.50 13.44
N ASN A 163 16.72 -1.21 12.24
CA ASN A 163 15.64 -1.90 11.54
C ASN A 163 14.29 -1.84 12.24
N ALA A 164 13.99 -0.70 12.89
CA ALA A 164 12.78 -0.60 13.67
C ALA A 164 11.49 -0.73 12.90
N PHE A 165 11.47 -0.42 11.60
CA PHE A 165 10.20 -0.52 10.86
C PHE A 165 9.83 -1.98 10.62
N ILE A 166 10.81 -2.81 10.35
CA ILE A 166 10.64 -4.22 10.10
C ILE A 166 10.46 -5.01 11.41
N GLU A 167 11.35 -4.78 12.38
CA GLU A 167 11.36 -5.58 13.58
C GLU A 167 10.34 -5.10 14.59
N GLY A 168 9.92 -3.83 14.48
CA GLY A 168 9.03 -3.24 15.46
C GLY A 168 7.67 -2.92 14.88
N ALA A 169 7.61 -1.95 13.97
CA ALA A 169 6.33 -1.43 13.52
C ALA A 169 5.50 -2.47 12.80
N LEU A 170 6.12 -3.22 11.90
CA LEU A 170 5.38 -4.20 11.09
C LEU A 170 4.65 -5.19 11.96
N PRO A 171 5.30 -5.95 12.85
CA PRO A 171 4.50 -6.87 13.67
C PRO A 171 3.59 -6.18 14.65
N LYS A 172 3.94 -4.98 15.09
CA LYS A 172 3.11 -4.29 16.06
C LYS A 172 1.74 -3.98 15.50
N TYR A 173 1.68 -3.78 14.17
CA TYR A 173 0.42 -3.33 13.61
C TYR A 173 -0.29 -4.45 12.82
N VAL A 174 -0.03 -5.68 13.21
CA VAL A 174 -0.79 -6.87 12.88
C VAL A 174 -1.34 -7.40 14.18
N VAL A 175 -2.63 -7.74 14.21
CA VAL A 175 -3.19 -8.24 15.51
C VAL A 175 -2.64 -9.62 15.82
N ARG A 176 -2.71 -10.57 14.91
CA ARG A 176 -2.13 -11.86 15.19
C ARG A 176 -0.61 -11.79 15.11
N PRO A 177 0.05 -12.73 15.78
CA PRO A 177 1.52 -12.74 15.71
C PRO A 177 2.05 -13.25 14.36
N LEU A 178 2.92 -12.46 13.73
CA LEU A 178 3.57 -12.87 12.52
C LEU A 178 4.56 -13.98 12.89
N THR A 179 4.66 -14.96 12.02
CA THR A 179 5.60 -16.05 12.29
C THR A 179 7.00 -15.65 11.86
N GLU A 180 8.00 -16.39 12.31
CA GLU A 180 9.37 -16.17 11.89
C GLU A 180 9.53 -16.35 10.39
N VAL A 181 8.82 -17.29 9.76
CA VAL A 181 8.93 -17.47 8.32
C VAL A 181 8.41 -16.23 7.60
N GLU A 182 7.29 -15.71 8.05
CA GLU A 182 6.73 -14.47 7.48
C GLU A 182 7.70 -13.30 7.71
N MET A 183 8.20 -13.16 8.92
CA MET A 183 9.15 -12.10 9.20
C MET A 183 10.37 -12.24 8.28
N ASP A 184 10.85 -13.43 8.04
CA ASP A 184 12.03 -13.58 7.17
C ASP A 184 11.69 -13.13 5.76
N HIS A 185 10.49 -13.36 5.26
CA HIS A 185 10.13 -12.83 3.95
C HIS A 185 10.16 -11.32 3.94
N TYR A 186 9.69 -10.67 5.01
CA TYR A 186 9.71 -9.22 5.08
C TYR A 186 11.11 -8.68 5.32
N ARG A 187 11.97 -9.41 6.02
CA ARG A 187 13.32 -8.97 6.30
C ARG A 187 14.22 -9.03 5.08
N GLU A 188 13.97 -9.96 4.18
CA GLU A 188 14.94 -10.31 3.13
C GLU A 188 15.39 -9.10 2.32
N PRO A 189 14.52 -8.19 1.86
CA PRO A 189 15.03 -7.08 1.03
C PRO A 189 15.96 -6.19 1.81
N PHE A 190 15.93 -6.23 3.13
CA PHE A 190 16.54 -5.21 3.98
C PHE A 190 17.62 -5.75 4.88
N LEU A 191 18.16 -6.92 4.52
CA LEU A 191 19.22 -7.52 5.31
C LEU A 191 20.44 -6.60 5.44
N LYS A 192 20.72 -5.78 4.40
CA LYS A 192 21.83 -4.82 4.49
C LYS A 192 21.27 -3.48 4.99
N PRO A 193 21.69 -2.97 6.14
CA PRO A 193 21.12 -1.71 6.68
C PRO A 193 21.04 -0.57 5.69
N VAL A 194 22.05 -0.35 4.86
CA VAL A 194 22.05 0.81 3.96
C VAL A 194 20.88 0.77 3.00
N ASP A 195 20.34 -0.42 2.70
CA ASP A 195 19.25 -0.59 1.80
C ASP A 195 17.91 -0.22 2.40
N ARG A 196 17.94 0.25 3.65
CA ARG A 196 16.71 0.65 4.33
C ARG A 196 16.27 2.09 4.11
N GLU A 197 16.92 2.81 3.19
CA GLU A 197 16.54 4.19 2.93
C GLU A 197 15.03 4.38 2.67
N PRO A 198 14.36 3.57 1.83
CA PRO A 198 12.94 3.81 1.59
C PRO A 198 12.12 3.74 2.88
N LEU A 199 12.53 2.87 3.81
CA LEU A 199 11.79 2.64 5.01
C LEU A 199 11.78 3.86 5.93
N TRP A 200 12.85 4.66 5.85
CA TRP A 200 12.96 5.92 6.60
C TRP A 200 12.34 7.05 5.85
N ARG A 201 12.52 7.15 4.53
CA ARG A 201 11.95 8.31 3.84
C ARG A 201 10.43 8.27 3.92
N PHE A 202 9.81 7.09 3.79
CA PHE A 202 8.36 6.98 3.78
C PHE A 202 7.70 7.66 5.00
N PRO A 203 8.07 7.34 6.22
CA PRO A 203 7.37 8.02 7.33
C PRO A 203 7.65 9.49 7.35
N ASN A 204 8.80 9.93 6.86
CA ASN A 204 9.11 11.36 6.69
C ASN A 204 8.31 12.03 5.58
N GLU A 205 7.67 11.26 4.72
CA GLU A 205 6.77 11.79 3.71
C GLU A 205 5.30 11.84 4.15
N LEU A 206 4.94 11.19 5.27
CA LEU A 206 3.54 11.10 5.65
C LEU A 206 2.98 12.51 5.84
N PRO A 207 1.75 12.77 5.40
CA PRO A 207 1.15 14.10 5.53
C PRO A 207 0.63 14.34 6.93
N ILE A 208 1.51 14.76 7.84
CA ILE A 208 1.17 14.91 9.23
C ILE A 208 1.50 16.34 9.67
N ALA A 209 0.55 17.03 10.27
CA ALA A 209 0.81 18.36 10.84
C ALA A 209 1.40 19.30 9.81
N GLY A 210 0.92 19.21 8.59
CA GLY A 210 1.21 20.07 7.48
C GLY A 210 2.51 19.84 6.76
N GLU A 211 3.25 18.81 7.13
CA GLU A 211 4.61 18.54 6.67
C GLU A 211 4.74 17.11 6.16
N PRO A 212 5.38 16.85 5.01
CA PRO A 212 5.88 17.87 4.09
C PRO A 212 4.75 18.48 3.28
N ALA A 213 4.87 19.77 2.97
CA ALA A 213 3.77 20.46 2.30
C ALA A 213 3.41 19.85 0.96
N ASN A 214 4.37 19.38 0.14
CA ASN A 214 4.03 18.85 -1.18
C ASN A 214 3.13 17.63 -1.04
N ILE A 215 3.38 16.76 -0.06
CA ILE A 215 2.58 15.54 0.11
C ILE A 215 1.21 15.88 0.68
N VAL A 216 1.16 16.81 1.65
CA VAL A 216 -0.14 17.22 2.17
C VAL A 216 -0.99 17.71 1.02
N ALA A 217 -0.46 18.52 0.10
CA ALA A 217 -1.24 19.10 -0.98
C ALA A 217 -1.68 18.02 -1.96
N LEU A 218 -0.82 17.09 -2.30
CA LEU A 218 -1.22 16.10 -3.31
C LEU A 218 -2.20 15.10 -2.69
N VAL A 219 -2.07 14.76 -1.42
CA VAL A 219 -3.04 13.88 -0.75
C VAL A 219 -4.37 14.62 -0.62
N GLU A 220 -4.37 15.90 -0.23
CA GLU A 220 -5.65 16.62 -0.24
C GLU A 220 -6.26 16.59 -1.62
N ALA A 221 -5.49 16.74 -2.68
CA ALA A 221 -6.04 16.72 -4.04
C ALA A 221 -6.63 15.40 -4.45
N TYR A 222 -5.97 14.28 -4.15
CA TYR A 222 -6.59 13.01 -4.54
C TYR A 222 -7.80 12.73 -3.67
N MET A 223 -7.84 13.21 -2.43
CA MET A 223 -9.01 12.95 -1.60
C MET A 223 -10.19 13.78 -2.11
N ASN A 224 -9.92 15.02 -2.51
CA ASN A 224 -10.98 15.80 -3.12
C ASN A 224 -11.50 15.09 -4.38
N TRP A 225 -10.60 14.55 -5.18
CA TRP A 225 -10.97 13.77 -6.36
C TRP A 225 -11.86 12.59 -5.97
N LEU A 226 -11.38 11.84 -4.99
CA LEU A 226 -12.10 10.64 -4.55
C LEU A 226 -13.51 10.95 -4.08
N HIS A 227 -13.63 12.07 -3.36
CA HIS A 227 -14.96 12.45 -2.84
C HIS A 227 -15.97 12.80 -3.94
N GLN A 228 -15.52 13.17 -5.13
CA GLN A 228 -16.48 13.55 -6.20
C GLN A 228 -16.41 12.51 -7.30
N SER A 229 -15.58 11.46 -7.20
CA SER A 229 -15.51 10.48 -8.28
C SER A 229 -16.59 9.43 -8.17
N PRO A 230 -17.23 9.11 -9.28
CA PRO A 230 -18.22 8.01 -9.26
C PRO A 230 -17.63 6.61 -9.27
N VAL A 231 -16.30 6.52 -9.32
CA VAL A 231 -15.68 5.17 -9.47
C VAL A 231 -16.12 4.24 -8.37
N PRO A 232 -16.47 2.99 -8.66
CA PRO A 232 -16.82 2.08 -7.56
C PRO A 232 -15.66 1.92 -6.60
N LYS A 233 -15.93 1.90 -5.31
CA LYS A 233 -14.95 1.79 -4.22
C LYS A 233 -15.37 0.68 -3.29
N LEU A 234 -14.35 -0.05 -2.82
CA LEU A 234 -14.53 -1.14 -1.87
C LEU A 234 -13.54 -0.87 -0.75
N LEU A 235 -14.04 -0.53 0.45
CA LEU A 235 -13.20 -0.16 1.56
C LEU A 235 -13.28 -1.22 2.66
N PHE A 236 -12.14 -1.84 2.92
CA PHE A 236 -12.01 -2.78 4.02
C PHE A 236 -11.49 -2.09 5.25
N TRP A 237 -12.03 -2.38 6.40
CA TRP A 237 -11.63 -1.74 7.64
C TRP A 237 -11.64 -2.77 8.77
N GLY A 238 -10.82 -2.50 9.78
CA GLY A 238 -10.74 -3.37 10.96
C GLY A 238 -10.93 -2.56 12.24
N THR A 239 -11.01 -3.32 13.33
CA THR A 239 -11.17 -2.76 14.65
C THR A 239 -9.96 -3.13 15.49
N PRO A 240 -9.22 -2.21 16.07
CA PRO A 240 -9.44 -0.76 16.05
C PRO A 240 -8.93 -0.03 14.83
N GLY A 241 -8.28 -0.72 13.89
CA GLY A 241 -7.70 -0.05 12.77
C GLY A 241 -6.51 0.78 13.24
N PHE A 242 -6.04 1.65 12.38
CA PHE A 242 -4.81 2.40 12.67
C PHE A 242 -5.02 3.76 12.03
N ILE A 243 -4.78 3.94 10.72
CA ILE A 243 -4.97 5.24 10.10
C ILE A 243 -6.39 5.38 9.58
N ILE A 244 -7.22 4.34 9.57
CA ILE A 244 -8.66 4.41 9.31
C ILE A 244 -9.39 3.74 10.48
N PRO A 245 -9.67 4.53 11.52
CA PRO A 245 -10.48 3.95 12.62
C PRO A 245 -11.90 3.61 12.19
N PRO A 246 -12.60 2.74 12.91
CA PRO A 246 -13.98 2.42 12.57
C PRO A 246 -14.85 3.65 12.33
N ALA A 247 -14.76 4.72 13.10
CA ALA A 247 -15.66 5.83 12.86
C ALA A 247 -15.31 6.54 11.53
N GLU A 248 -14.04 6.53 11.15
CA GLU A 248 -13.68 7.13 9.86
C GLU A 248 -14.16 6.26 8.71
N ALA A 249 -14.02 4.94 8.83
CA ALA A 249 -14.58 4.06 7.81
C ALA A 249 -16.08 4.35 7.62
N ALA A 250 -16.82 4.55 8.71
CA ALA A 250 -18.24 4.83 8.63
C ALA A 250 -18.47 6.18 7.95
N ARG A 251 -17.63 7.19 8.28
CA ARG A 251 -17.80 8.51 7.63
C ARG A 251 -17.58 8.40 6.13
N LEU A 252 -16.55 7.65 5.77
CA LEU A 252 -16.21 7.46 4.35
C LEU A 252 -17.31 6.71 3.59
N ALA A 253 -17.90 5.70 4.26
CA ALA A 253 -19.00 4.97 3.63
C ALA A 253 -20.15 5.87 3.22
N GLU A 254 -20.42 6.86 4.04
CA GLU A 254 -21.52 7.78 3.77
C GLU A 254 -21.16 8.81 2.72
N SER A 255 -19.92 9.32 2.80
CA SER A 255 -19.53 10.45 1.99
C SER A 255 -19.03 10.06 0.61
N LEU A 256 -18.20 9.04 0.48
CA LEU A 256 -17.65 8.67 -0.82
C LEU A 256 -18.72 8.06 -1.73
N PRO A 257 -18.81 8.46 -2.98
CA PRO A 257 -19.79 7.83 -3.86
C PRO A 257 -19.50 6.36 -4.11
N ASN A 258 -20.57 5.59 -4.29
CA ASN A 258 -20.51 4.21 -4.76
C ASN A 258 -19.48 3.42 -3.99
N CYS A 259 -19.56 3.52 -2.68
CA CYS A 259 -18.60 2.89 -1.81
C CYS A 259 -19.28 1.79 -0.98
N LYS A 260 -18.75 0.61 -1.08
CA LYS A 260 -19.13 -0.56 -0.31
C LYS A 260 -18.06 -0.77 0.77
N THR A 261 -18.46 -0.98 2.00
CA THR A 261 -17.54 -1.14 3.10
C THR A 261 -17.68 -2.53 3.68
N VAL A 262 -16.54 -3.11 4.02
CA VAL A 262 -16.47 -4.45 4.58
C VAL A 262 -15.64 -4.45 5.84
N ASP A 263 -16.28 -4.90 6.93
CA ASP A 263 -15.63 -5.07 8.24
C ASP A 263 -14.86 -6.38 8.26
N ILE A 264 -13.55 -6.36 8.45
CA ILE A 264 -12.75 -7.56 8.45
C ILE A 264 -12.56 -8.14 9.84
N GLY A 265 -13.06 -7.47 10.86
CA GLY A 265 -12.86 -7.87 12.24
C GLY A 265 -11.62 -7.29 12.85
N PRO A 266 -10.94 -8.02 13.73
CA PRO A 266 -9.72 -7.47 14.34
C PRO A 266 -8.70 -7.08 13.28
N GLY A 267 -8.13 -5.90 13.48
CA GLY A 267 -7.13 -5.37 12.57
C GLY A 267 -6.57 -4.07 13.08
N LEU A 268 -5.32 -3.81 12.73
CA LEU A 268 -4.63 -2.56 13.05
C LEU A 268 -4.30 -1.88 11.70
N HIS A 269 -3.07 -2.08 11.20
CA HIS A 269 -2.74 -1.43 9.94
C HIS A 269 -2.61 -2.44 8.80
N PHE A 270 -1.88 -3.54 8.96
CA PHE A 270 -1.64 -4.50 7.87
C PHE A 270 -2.78 -5.51 7.85
N LEU A 271 -3.96 -5.05 7.41
CA LEU A 271 -5.18 -5.85 7.50
C LEU A 271 -5.11 -7.16 6.75
N GLN A 272 -4.29 -7.13 5.68
CA GLN A 272 -4.09 -8.32 4.86
C GLN A 272 -3.51 -9.49 5.64
N GLU A 273 -2.80 -9.21 6.73
CA GLU A 273 -2.20 -10.28 7.56
C GLU A 273 -3.17 -10.83 8.57
N ASP A 274 -4.26 -10.13 8.91
CA ASP A 274 -5.27 -10.56 9.84
C ASP A 274 -6.44 -11.28 9.17
N ASN A 275 -6.92 -10.84 8.02
CA ASN A 275 -8.04 -11.53 7.37
C ASN A 275 -7.91 -11.48 5.86
N PRO A 276 -6.91 -12.16 5.31
CA PRO A 276 -6.74 -12.14 3.85
C PRO A 276 -7.87 -12.83 3.13
N ASP A 277 -8.46 -13.85 3.75
CA ASP A 277 -9.49 -14.61 2.98
C ASP A 277 -10.70 -13.77 2.74
N LEU A 278 -11.16 -12.98 3.68
CA LEU A 278 -12.32 -12.12 3.45
C LEU A 278 -11.99 -10.99 2.48
N ILE A 279 -10.79 -10.42 2.63
CA ILE A 279 -10.38 -9.38 1.69
C ILE A 279 -10.38 -9.93 0.28
N GLY A 280 -9.73 -11.07 0.06
CA GLY A 280 -9.71 -11.65 -1.26
C GLY A 280 -11.06 -12.09 -1.80
N SER A 281 -11.85 -12.74 -0.98
CA SER A 281 -13.15 -13.22 -1.44
C SER A 281 -14.09 -12.07 -1.77
N GLU A 282 -14.06 -11.03 -0.95
CA GLU A 282 -14.92 -9.86 -1.24
C GLU A 282 -14.44 -9.08 -2.46
N ILE A 283 -13.13 -8.95 -2.69
CA ILE A 283 -12.69 -8.35 -3.95
C ILE A 283 -13.18 -9.20 -5.12
N ALA A 284 -12.95 -10.52 -5.05
CA ALA A 284 -13.39 -11.38 -6.18
C ALA A 284 -14.89 -11.23 -6.45
N ARG A 285 -15.70 -11.18 -5.41
CA ARG A 285 -17.13 -11.08 -5.58
C ARG A 285 -17.57 -9.75 -6.17
N TRP A 286 -16.82 -8.69 -5.88
CA TRP A 286 -17.15 -7.31 -6.28
C TRP A 286 -16.72 -7.00 -7.70
N LEU A 287 -15.74 -7.68 -8.25
CA LEU A 287 -15.27 -7.35 -9.58
C LEU A 287 -16.27 -7.49 -10.72
N PRO A 288 -17.14 -8.49 -10.81
CA PRO A 288 -17.92 -8.64 -12.05
C PRO A 288 -18.73 -7.41 -12.41
N ALA A 289 -19.38 -6.73 -11.45
CA ALA A 289 -20.24 -5.60 -11.78
C ALA A 289 -19.49 -4.39 -12.26
N LEU A 290 -18.17 -4.39 -12.20
CA LEU A 290 -17.34 -3.30 -12.70
C LEU A 290 -17.13 -3.36 -14.21
N HIS A 291 -17.38 -4.55 -14.78
CA HIS A 291 -16.97 -4.74 -16.17
C HIS A 291 -17.70 -3.83 -17.14
N HIS A 292 -19.01 -3.74 -17.00
CA HIS A 292 -19.79 -3.01 -17.99
C HIS A 292 -19.44 -1.54 -18.00
CL 3KP B . 1.62 4.54 8.84
C1 3KP B . 2.01 3.37 7.55
CL1 3KP B . 0.67 4.62 5.59
C2 3KP B . 3.23 2.50 7.88
CL2 3KP B . 2.98 1.57 9.38
C3 3KP B . 2.29 4.17 6.29
CL CL C . 5.47 5.15 6.52
CL CL D . 0.41 3.99 8.70
CL CL E . 2.21 2.50 9.69
CL CL F . 3.36 1.03 10.08
#